data_2AK0
#
_entry.id   2AK0
#
_entity_poly.entity_id   1
_entity_poly.type   'polypeptide(L)'
_entity_poly.pdbx_seq_one_letter_code
;GCCSNPVCHLEHSNLCGAGGAAG
;
_entity_poly.pdbx_strand_id   A
#
# COMPACT_ATOMS: atom_id res chain seq x y z
N GLY A 1 0.26 -0.26 -7.97
CA GLY A 1 -0.96 0.55 -8.00
C GLY A 1 -0.92 1.69 -7.02
N CYS A 2 -1.86 1.69 -6.10
CA CYS A 2 -1.94 2.74 -5.08
C CYS A 2 -0.95 2.47 -3.96
N CYS A 3 -0.82 1.20 -3.57
CA CYS A 3 0.07 0.78 -2.48
C CYS A 3 1.52 1.19 -2.70
N SER A 4 1.95 1.28 -3.96
CA SER A 4 3.31 1.66 -4.28
C SER A 4 3.57 3.12 -3.91
N ASN A 5 2.50 3.88 -3.73
CA ASN A 5 2.61 5.28 -3.34
C ASN A 5 2.66 5.40 -1.82
N PRO A 6 3.68 6.10 -1.30
CA PRO A 6 3.88 6.27 0.14
C PRO A 6 2.62 6.75 0.89
N VAL A 7 1.94 7.74 0.32
CA VAL A 7 0.74 8.29 0.94
C VAL A 7 -0.35 7.23 1.05
N CYS A 8 -0.60 6.54 -0.05
CA CYS A 8 -1.62 5.50 -0.09
C CYS A 8 -1.21 4.33 0.79
N HIS A 9 0.08 3.99 0.74
CA HIS A 9 0.62 2.88 1.51
C HIS A 9 0.43 3.12 3.00
N LEU A 10 0.61 4.35 3.42
CA LEU A 10 0.45 4.73 4.82
C LEU A 10 -0.99 4.49 5.28
N GLU A 11 -1.92 5.01 4.49
CA GLU A 11 -3.34 4.85 4.79
C GLU A 11 -3.76 3.38 4.65
N HIS A 12 -3.34 2.78 3.55
CA HIS A 12 -3.65 1.38 3.27
C HIS A 12 -2.56 0.49 3.84
N SER A 13 -2.09 0.84 5.03
CA SER A 13 -1.03 0.09 5.69
C SER A 13 -1.47 -1.34 5.99
N ASN A 14 -2.66 -1.48 6.56
CA ASN A 14 -3.19 -2.80 6.89
C ASN A 14 -3.77 -3.48 5.64
N LEU A 15 -4.12 -2.68 4.65
CA LEU A 15 -4.68 -3.22 3.40
C LEU A 15 -3.62 -3.82 2.52
N CYS A 16 -2.53 -3.08 2.32
CA CYS A 16 -1.45 -3.55 1.45
C CYS A 16 -0.39 -4.31 2.26
N GLY A 17 -0.15 -3.86 3.48
CA GLY A 17 0.85 -4.51 4.32
C GLY A 17 2.24 -4.31 3.77
N ALA A 18 2.97 -5.40 3.62
CA ALA A 18 4.33 -5.37 3.10
C ALA A 18 4.52 -6.47 2.07
N GLY A 19 3.54 -6.59 1.17
CA GLY A 19 3.61 -7.61 0.14
C GLY A 19 2.37 -7.62 -0.73
N GLY A 20 1.21 -7.47 -0.10
CA GLY A 20 -0.03 -7.45 -0.84
C GLY A 20 -0.17 -6.23 -1.71
N ALA A 21 -0.50 -6.45 -2.98
CA ALA A 21 -0.68 -5.37 -3.95
C ALA A 21 0.58 -4.50 -4.03
N ALA A 22 1.70 -5.11 -4.41
CA ALA A 22 2.97 -4.41 -4.52
C ALA A 22 3.00 -3.47 -5.73
N GLY A 23 2.01 -2.61 -5.83
CA GLY A 23 1.92 -1.67 -6.92
C GLY A 23 0.65 -0.86 -6.85
N GLY A 1 0.28 0.17 -7.89
CA GLY A 1 -1.00 0.79 -7.61
C GLY A 1 -0.96 1.73 -6.42
N CYS A 2 -2.01 1.70 -5.62
CA CYS A 2 -2.13 2.55 -4.44
C CYS A 2 -0.95 2.39 -3.48
N CYS A 3 -0.74 1.16 -3.03
CA CYS A 3 0.34 0.87 -2.09
C CYS A 3 1.72 1.26 -2.60
N SER A 4 1.86 1.39 -3.91
CA SER A 4 3.13 1.78 -4.50
C SER A 4 3.45 3.22 -4.11
N ASN A 5 2.41 3.98 -3.84
CA ASN A 5 2.55 5.37 -3.42
C ASN A 5 2.68 5.43 -1.91
N PRO A 6 3.69 6.13 -1.40
CA PRO A 6 3.95 6.25 0.05
C PRO A 6 2.73 6.72 0.84
N VAL A 7 2.04 7.73 0.34
CA VAL A 7 0.87 8.26 1.02
C VAL A 7 -0.24 7.22 1.09
N CYS A 8 -0.55 6.61 -0.04
CA CYS A 8 -1.60 5.60 -0.10
C CYS A 8 -1.20 4.36 0.70
N HIS A 9 0.09 4.03 0.66
CA HIS A 9 0.61 2.87 1.38
C HIS A 9 0.43 3.05 2.89
N LEU A 10 0.70 4.25 3.35
CA LEU A 10 0.57 4.57 4.77
C LEU A 10 -0.90 4.46 5.20
N GLU A 11 -1.77 5.06 4.40
CA GLU A 11 -3.21 5.03 4.66
C GLU A 11 -3.74 3.60 4.57
N HIS A 12 -3.42 2.93 3.48
CA HIS A 12 -3.85 1.56 3.25
C HIS A 12 -2.80 0.58 3.75
N SER A 13 -2.24 0.86 4.90
CA SER A 13 -1.20 0.03 5.50
C SER A 13 -1.75 -1.33 5.91
N ASN A 14 -2.99 -1.33 6.39
CA ASN A 14 -3.65 -2.55 6.83
C ASN A 14 -3.93 -3.50 5.65
N LEU A 15 -3.97 -2.95 4.44
CA LEU A 15 -4.26 -3.75 3.27
C LEU A 15 -3.02 -4.46 2.70
N CYS A 16 -1.97 -3.71 2.45
CA CYS A 16 -0.75 -4.27 1.89
C CYS A 16 0.26 -4.66 2.95
N GLY A 17 0.24 -3.96 4.07
CA GLY A 17 1.18 -4.23 5.14
C GLY A 17 2.61 -3.96 4.72
N ALA A 18 3.52 -4.85 5.09
CA ALA A 18 4.92 -4.72 4.75
C ALA A 18 5.22 -5.34 3.39
N GLY A 19 4.33 -5.10 2.44
CA GLY A 19 4.52 -5.63 1.10
C GLY A 19 3.50 -5.09 0.12
N GLY A 20 3.08 -5.93 -0.81
CA GLY A 20 2.12 -5.52 -1.82
C GLY A 20 2.71 -4.51 -2.77
N ALA A 21 1.97 -3.42 -3.00
CA ALA A 21 2.42 -2.34 -3.89
C ALA A 21 2.71 -2.83 -5.30
N ALA A 22 1.86 -3.74 -5.78
CA ALA A 22 2.01 -4.30 -7.12
C ALA A 22 1.55 -3.33 -8.21
N GLY A 23 2.15 -2.14 -8.25
CA GLY A 23 1.80 -1.15 -9.24
C GLY A 23 0.44 -0.53 -9.01
N GLY A 1 0.03 -0.22 -7.61
CA GLY A 1 -1.26 0.14 -7.09
C GLY A 1 -1.18 1.19 -6.00
N CYS A 2 -2.01 1.04 -4.99
CA CYS A 2 -2.05 1.98 -3.86
C CYS A 2 -0.72 1.95 -3.11
N CYS A 3 -0.25 0.75 -2.84
CA CYS A 3 0.98 0.53 -2.10
C CYS A 3 2.18 1.22 -2.75
N SER A 4 2.16 1.33 -4.06
CA SER A 4 3.23 1.98 -4.81
C SER A 4 3.36 3.45 -4.39
N ASN A 5 2.26 4.01 -3.93
CA ASN A 5 2.24 5.40 -3.47
C ASN A 5 2.47 5.44 -1.97
N PRO A 6 3.51 6.16 -1.52
CA PRO A 6 3.84 6.26 -0.09
C PRO A 6 2.67 6.72 0.76
N VAL A 7 1.97 7.77 0.31
CA VAL A 7 0.83 8.30 1.05
C VAL A 7 -0.29 7.26 1.14
N CYS A 8 -0.63 6.67 0.00
CA CYS A 8 -1.67 5.66 -0.07
C CYS A 8 -1.28 4.45 0.78
N HIS A 9 -0.01 4.08 0.68
CA HIS A 9 0.52 2.94 1.41
C HIS A 9 0.35 3.13 2.91
N LEU A 10 0.71 4.30 3.40
CA LEU A 10 0.61 4.59 4.83
C LEU A 10 -0.84 4.54 5.31
N GLU A 11 -1.72 5.21 4.57
CA GLU A 11 -3.13 5.23 4.90
C GLU A 11 -3.75 3.84 4.84
N HIS A 12 -3.40 3.11 3.81
CA HIS A 12 -3.93 1.77 3.60
C HIS A 12 -2.87 0.70 3.87
N SER A 13 -2.16 0.84 4.99
CA SER A 13 -1.10 -0.10 5.36
C SER A 13 -1.66 -1.52 5.54
N ASN A 14 -2.77 -1.63 6.26
CA ASN A 14 -3.41 -2.92 6.51
C ASN A 14 -3.87 -3.57 5.22
N LEU A 15 -4.29 -2.75 4.26
CA LEU A 15 -4.76 -3.26 2.98
C LEU A 15 -3.62 -3.85 2.16
N CYS A 16 -2.46 -3.22 2.23
CA CYS A 16 -1.29 -3.68 1.50
C CYS A 16 -0.61 -4.86 2.19
N GLY A 17 -1.42 -5.74 2.78
CA GLY A 17 -0.88 -6.91 3.44
C GLY A 17 -0.70 -8.07 2.48
N ALA A 18 -0.56 -7.72 1.20
CA ALA A 18 -0.38 -8.68 0.13
C ALA A 18 -0.03 -7.93 -1.14
N GLY A 19 1.18 -8.18 -1.63
CA GLY A 19 1.64 -7.51 -2.83
C GLY A 19 0.88 -7.96 -4.07
N GLY A 20 0.32 -7.00 -4.79
CA GLY A 20 -0.42 -7.32 -6.00
C GLY A 20 0.48 -7.44 -7.21
N ALA A 21 0.04 -6.89 -8.33
CA ALA A 21 0.83 -6.91 -9.57
C ALA A 21 1.95 -5.88 -9.57
N ALA A 22 2.63 -5.76 -8.43
CA ALA A 22 3.74 -4.82 -8.24
C ALA A 22 3.34 -3.40 -8.63
N GLY A 23 2.11 -3.01 -8.31
CA GLY A 23 1.66 -1.68 -8.62
C GLY A 23 0.26 -1.43 -8.11
N GLY A 1 0.12 -1.06 -7.44
CA GLY A 1 -1.05 -0.22 -7.51
C GLY A 1 -0.91 1.02 -6.65
N CYS A 2 -1.92 1.27 -5.83
CA CYS A 2 -1.94 2.43 -4.93
C CYS A 2 -0.88 2.28 -3.86
N CYS A 3 -0.61 1.04 -3.46
CA CYS A 3 0.38 0.74 -2.43
C CYS A 3 1.78 1.26 -2.81
N SER A 4 2.02 1.39 -4.11
CA SER A 4 3.29 1.90 -4.61
C SER A 4 3.51 3.33 -4.14
N ASN A 5 2.41 4.02 -3.87
CA ASN A 5 2.46 5.40 -3.40
C ASN A 5 2.57 5.43 -1.88
N PRO A 6 3.59 6.12 -1.35
CA PRO A 6 3.84 6.22 0.09
C PRO A 6 2.61 6.68 0.88
N VAL A 7 1.92 7.70 0.38
CA VAL A 7 0.74 8.22 1.05
C VAL A 7 -0.34 7.16 1.15
N CYS A 8 -0.63 6.52 0.04
CA CYS A 8 -1.64 5.47 -0.01
C CYS A 8 -1.21 4.29 0.84
N HIS A 9 0.06 3.94 0.76
CA HIS A 9 0.60 2.83 1.53
C HIS A 9 0.44 3.07 3.02
N LEU A 10 0.73 4.29 3.43
CA LEU A 10 0.61 4.67 4.84
C LEU A 10 -0.84 4.57 5.30
N GLU A 11 -1.74 5.14 4.51
CA GLU A 11 -3.16 5.12 4.82
C GLU A 11 -3.72 3.70 4.77
N HIS A 12 -3.37 2.99 3.71
CA HIS A 12 -3.83 1.62 3.51
C HIS A 12 -2.78 0.61 3.98
N SER A 13 -2.14 0.90 5.10
CA SER A 13 -1.11 0.01 5.64
C SER A 13 -1.66 -1.38 5.94
N ASN A 14 -2.88 -1.42 6.45
CA ASN A 14 -3.53 -2.69 6.78
C ASN A 14 -3.80 -3.53 5.54
N LEU A 15 -4.25 -2.86 4.48
CA LEU A 15 -4.58 -3.54 3.23
C LEU A 15 -3.33 -3.90 2.43
N CYS A 16 -2.42 -2.95 2.31
CA CYS A 16 -1.20 -3.15 1.55
C CYS A 16 -0.23 -4.08 2.26
N GLY A 17 -0.17 -3.97 3.59
CA GLY A 17 0.74 -4.79 4.37
C GLY A 17 2.19 -4.56 3.96
N ALA A 18 2.92 -5.64 3.75
CA ALA A 18 4.31 -5.55 3.34
C ALA A 18 4.42 -5.64 1.82
N GLY A 19 3.29 -5.51 1.14
CA GLY A 19 3.29 -5.58 -0.31
C GLY A 19 3.11 -7.01 -0.81
N GLY A 20 2.83 -7.14 -2.10
CA GLY A 20 2.64 -8.46 -2.68
C GLY A 20 2.91 -8.47 -4.17
N ALA A 21 2.21 -9.32 -4.91
CA ALA A 21 2.38 -9.43 -6.36
C ALA A 21 1.61 -8.34 -7.10
N ALA A 22 1.60 -7.14 -6.54
CA ALA A 22 0.91 -6.01 -7.14
C ALA A 22 1.17 -4.75 -6.34
N GLY A 23 1.53 -3.67 -7.03
CA GLY A 23 1.80 -2.42 -6.35
C GLY A 23 0.57 -1.54 -6.29
N GLY A 1 -0.23 -0.13 -7.25
CA GLY A 1 -1.25 0.91 -7.16
C GLY A 1 -1.12 1.73 -5.91
N CYS A 2 -2.07 1.55 -5.01
CA CYS A 2 -2.09 2.25 -3.73
C CYS A 2 -0.82 1.99 -2.95
N CYS A 3 -0.41 0.73 -2.93
CA CYS A 3 0.78 0.33 -2.20
C CYS A 3 2.05 0.97 -2.77
N SER A 4 2.05 1.22 -4.08
CA SER A 4 3.20 1.84 -4.73
C SER A 4 3.32 3.31 -4.32
N ASN A 5 2.22 3.87 -3.85
CA ASN A 5 2.20 5.26 -3.42
C ASN A 5 2.50 5.35 -1.93
N PRO A 6 3.51 6.15 -1.55
CA PRO A 6 3.92 6.31 -0.15
C PRO A 6 2.75 6.75 0.76
N VAL A 7 2.01 7.76 0.32
CA VAL A 7 0.88 8.27 1.08
C VAL A 7 -0.22 7.22 1.19
N CYS A 8 -0.58 6.65 0.06
CA CYS A 8 -1.63 5.63 0.01
C CYS A 8 -1.22 4.42 0.83
N HIS A 9 0.07 4.08 0.77
CA HIS A 9 0.62 2.96 1.50
C HIS A 9 0.39 3.11 2.99
N LEU A 10 0.65 4.30 3.50
CA LEU A 10 0.47 4.57 4.92
C LEU A 10 -1.01 4.54 5.28
N GLU A 11 -1.81 5.25 4.48
CA GLU A 11 -3.26 5.32 4.66
C GLU A 11 -3.90 3.94 4.66
N HIS A 12 -3.44 3.10 3.76
CA HIS A 12 -3.98 1.76 3.63
C HIS A 12 -2.91 0.70 3.88
N SER A 13 -2.15 0.90 4.95
CA SER A 13 -1.08 -0.02 5.31
C SER A 13 -1.63 -1.41 5.56
N ASN A 14 -2.81 -1.48 6.17
CA ASN A 14 -3.46 -2.75 6.46
C ASN A 14 -3.77 -3.52 5.18
N LEU A 15 -4.10 -2.79 4.14
CA LEU A 15 -4.42 -3.39 2.84
C LEU A 15 -3.16 -3.99 2.21
N CYS A 16 -2.06 -3.27 2.33
CA CYS A 16 -0.79 -3.72 1.80
C CYS A 16 -0.02 -4.49 2.86
N GLY A 17 -0.74 -5.28 3.64
CA GLY A 17 -0.14 -6.05 4.70
C GLY A 17 0.78 -7.15 4.18
N ALA A 18 2.06 -7.01 4.49
CA ALA A 18 3.09 -7.97 4.08
C ALA A 18 3.11 -8.17 2.56
N GLY A 19 2.81 -7.12 1.82
CA GLY A 19 2.79 -7.21 0.38
C GLY A 19 2.17 -5.99 -0.27
N GLY A 20 1.31 -6.23 -1.25
CA GLY A 20 0.66 -5.15 -1.93
C GLY A 20 -0.38 -5.64 -2.92
N ALA A 21 -1.50 -4.94 -3.00
CA ALA A 21 -2.59 -5.30 -3.90
C ALA A 21 -2.25 -4.91 -5.34
N ALA A 22 -1.24 -5.59 -5.91
CA ALA A 22 -0.78 -5.35 -7.27
C ALA A 22 -0.29 -3.92 -7.45
N GLY A 23 0.45 -3.44 -6.46
CA GLY A 23 0.97 -2.09 -6.51
C GLY A 23 -0.12 -1.06 -6.30
N GLY A 1 0.05 0.05 -7.48
CA GLY A 1 -1.00 1.05 -7.45
C GLY A 1 -0.96 1.88 -6.18
N CYS A 2 -1.94 1.66 -5.33
CA CYS A 2 -2.03 2.38 -4.06
C CYS A 2 -0.80 2.13 -3.20
N CYS A 3 -0.43 0.86 -3.09
CA CYS A 3 0.72 0.46 -2.29
C CYS A 3 2.02 1.07 -2.83
N SER A 4 2.08 1.28 -4.13
CA SER A 4 3.27 1.87 -4.74
C SER A 4 3.41 3.32 -4.31
N ASN A 5 2.29 3.92 -3.92
CA ASN A 5 2.28 5.31 -3.47
C ASN A 5 2.51 5.36 -1.96
N PRO A 6 3.53 6.09 -1.52
CA PRO A 6 3.87 6.22 -0.10
C PRO A 6 2.70 6.70 0.75
N VAL A 7 2.00 7.72 0.27
CA VAL A 7 0.86 8.29 0.99
C VAL A 7 -0.27 7.27 1.12
N CYS A 8 -0.62 6.65 -0.01
CA CYS A 8 -1.68 5.65 -0.04
C CYS A 8 -1.28 4.43 0.81
N HIS A 9 -0.02 4.06 0.73
CA HIS A 9 0.51 2.92 1.47
C HIS A 9 0.36 3.14 2.96
N LEU A 10 0.67 4.35 3.41
CA LEU A 10 0.58 4.69 4.83
C LEU A 10 -0.86 4.58 5.32
N GLU A 11 -1.78 5.15 4.55
CA GLU A 11 -3.20 5.12 4.89
C GLU A 11 -3.73 3.69 4.81
N HIS A 12 -3.38 3.00 3.72
CA HIS A 12 -3.85 1.64 3.50
C HIS A 12 -2.80 0.63 3.94
N SER A 13 -2.20 0.86 5.10
CA SER A 13 -1.17 -0.05 5.63
C SER A 13 -1.75 -1.45 5.88
N ASN A 14 -3.00 -1.49 6.34
CA ASN A 14 -3.67 -2.75 6.62
C ASN A 14 -3.87 -3.55 5.33
N LEU A 15 -4.18 -2.83 4.25
CA LEU A 15 -4.40 -3.46 2.96
C LEU A 15 -3.07 -3.90 2.35
N CYS A 16 -2.12 -2.98 2.33
CA CYS A 16 -0.79 -3.25 1.80
C CYS A 16 0.08 -3.94 2.85
N GLY A 17 -0.51 -4.93 3.50
CA GLY A 17 0.16 -5.67 4.54
C GLY A 17 1.48 -6.25 4.08
N ALA A 18 2.49 -6.14 4.94
CA ALA A 18 3.84 -6.63 4.65
C ALA A 18 4.42 -5.98 3.40
N GLY A 19 3.90 -4.79 3.07
CA GLY A 19 4.36 -4.06 1.91
C GLY A 19 3.94 -4.71 0.61
N GLY A 20 2.97 -5.61 0.68
CA GLY A 20 2.49 -6.29 -0.51
C GLY A 20 1.27 -5.63 -1.10
N ALA A 21 0.29 -6.47 -1.47
CA ALA A 21 -0.98 -6.02 -2.06
C ALA A 21 -0.76 -5.37 -3.42
N ALA A 22 0.18 -5.93 -4.19
CA ALA A 22 0.50 -5.45 -5.53
C ALA A 22 0.99 -4.01 -5.51
N GLY A 23 0.77 -3.31 -6.62
CA GLY A 23 1.20 -1.93 -6.73
C GLY A 23 0.06 -0.95 -6.62
N GLY A 1 -2.00 0.87 -7.71
CA GLY A 1 -0.83 1.66 -7.40
C GLY A 1 -0.93 2.34 -6.06
N CYS A 2 -1.79 1.83 -5.21
CA CYS A 2 -1.98 2.40 -3.88
C CYS A 2 -0.75 2.14 -3.02
N CYS A 3 -0.36 0.89 -2.92
CA CYS A 3 0.80 0.51 -2.12
C CYS A 3 2.08 1.09 -2.70
N SER A 4 2.09 1.28 -4.00
CA SER A 4 3.23 1.84 -4.69
C SER A 4 3.41 3.31 -4.30
N ASN A 5 2.31 3.94 -3.91
CA ASN A 5 2.31 5.32 -3.49
C ASN A 5 2.50 5.43 -1.99
N PRO A 6 3.48 6.21 -1.53
CA PRO A 6 3.78 6.38 -0.11
C PRO A 6 2.57 6.83 0.71
N VAL A 7 1.81 7.77 0.17
CA VAL A 7 0.65 8.30 0.87
C VAL A 7 -0.43 7.23 1.04
N CYS A 8 -0.78 6.57 -0.06
CA CYS A 8 -1.79 5.52 -0.03
C CYS A 8 -1.30 4.33 0.78
N HIS A 9 -0.02 4.03 0.65
CA HIS A 9 0.61 2.91 1.35
C HIS A 9 0.47 3.09 2.87
N LEU A 10 0.81 4.27 3.35
CA LEU A 10 0.74 4.55 4.78
C LEU A 10 -0.70 4.46 5.28
N GLU A 11 -1.61 5.07 4.54
CA GLU A 11 -3.03 5.05 4.89
C GLU A 11 -3.58 3.63 4.80
N HIS A 12 -3.30 2.96 3.70
CA HIS A 12 -3.78 1.60 3.48
C HIS A 12 -2.75 0.57 3.94
N SER A 13 -2.11 0.82 5.07
CA SER A 13 -1.12 -0.11 5.61
C SER A 13 -1.76 -1.47 5.89
N ASN A 14 -3.02 -1.41 6.30
CA ASN A 14 -3.80 -2.61 6.59
C ASN A 14 -4.11 -3.41 5.33
N LEU A 15 -4.25 -2.72 4.20
CA LEU A 15 -4.56 -3.39 2.94
C LEU A 15 -3.30 -3.99 2.32
N CYS A 16 -2.22 -3.21 2.32
CA CYS A 16 -0.97 -3.66 1.74
C CYS A 16 -0.28 -4.69 2.64
N GLY A 17 -0.33 -4.47 3.93
CA GLY A 17 0.28 -5.39 4.87
C GLY A 17 -0.58 -6.59 5.14
N ALA A 18 -0.07 -7.78 4.81
CA ALA A 18 -0.80 -9.03 5.00
C ALA A 18 -2.12 -9.03 4.25
N GLY A 19 -2.09 -8.47 3.05
CA GLY A 19 -3.28 -8.40 2.23
C GLY A 19 -2.95 -8.47 0.76
N GLY A 20 -2.96 -7.32 0.10
CA GLY A 20 -2.66 -7.28 -1.31
C GLY A 20 -2.42 -5.88 -1.83
N ALA A 21 -1.49 -5.75 -2.75
CA ALA A 21 -1.15 -4.46 -3.35
C ALA A 21 -2.24 -4.02 -4.33
N ALA A 22 -3.29 -3.41 -3.79
CA ALA A 22 -4.41 -2.96 -4.60
C ALA A 22 -4.01 -1.80 -5.51
N GLY A 23 -3.77 -2.12 -6.78
CA GLY A 23 -3.37 -1.13 -7.76
C GLY A 23 -2.08 -0.41 -7.37
N GLY A 1 0.54 -0.90 -7.18
CA GLY A 1 -0.61 -0.07 -7.44
C GLY A 1 -0.65 1.15 -6.56
N CYS A 2 -1.75 1.37 -5.87
CA CYS A 2 -1.91 2.52 -4.99
C CYS A 2 -0.90 2.49 -3.85
N CYS A 3 -0.73 1.32 -3.23
CA CYS A 3 0.22 1.18 -2.12
C CYS A 3 1.66 1.42 -2.53
N SER A 4 1.92 1.50 -3.83
CA SER A 4 3.26 1.77 -4.31
C SER A 4 3.60 3.23 -3.98
N ASN A 5 2.54 4.02 -3.81
CA ASN A 5 2.68 5.42 -3.45
C ASN A 5 2.71 5.55 -1.94
N PRO A 6 3.71 6.28 -1.40
CA PRO A 6 3.88 6.46 0.05
C PRO A 6 2.61 6.91 0.78
N VAL A 7 1.88 7.84 0.18
CA VAL A 7 0.65 8.35 0.79
C VAL A 7 -0.39 7.25 0.95
N CYS A 8 -0.63 6.53 -0.13
CA CYS A 8 -1.61 5.45 -0.13
C CYS A 8 -1.12 4.30 0.74
N HIS A 9 0.18 4.05 0.67
CA HIS A 9 0.80 2.97 1.44
C HIS A 9 0.54 3.14 2.92
N LEU A 10 0.72 4.36 3.41
CA LEU A 10 0.52 4.68 4.82
C LEU A 10 -0.92 4.41 5.23
N GLU A 11 -1.85 4.92 4.44
CA GLU A 11 -3.27 4.75 4.70
C GLU A 11 -3.68 3.28 4.57
N HIS A 12 -3.26 2.65 3.49
CA HIS A 12 -3.60 1.25 3.25
C HIS A 12 -2.54 0.29 3.79
N SER A 13 -1.94 0.64 4.92
CA SER A 13 -0.92 -0.21 5.52
C SER A 13 -1.49 -1.58 5.89
N ASN A 14 -2.65 -1.57 6.53
CA ASN A 14 -3.30 -2.81 6.94
C ASN A 14 -3.94 -3.51 5.74
N LEU A 15 -4.55 -2.71 4.88
CA LEU A 15 -5.21 -3.24 3.69
C LEU A 15 -4.26 -3.99 2.77
N CYS A 16 -3.11 -3.40 2.51
CA CYS A 16 -2.12 -4.02 1.65
C CYS A 16 -1.29 -5.05 2.41
N GLY A 17 -0.98 -4.75 3.67
CA GLY A 17 -0.19 -5.66 4.48
C GLY A 17 -0.87 -7.00 4.67
N ALA A 18 -2.17 -6.96 4.89
CA ALA A 18 -2.96 -8.16 5.08
C ALA A 18 -3.96 -8.33 3.94
N GLY A 19 -3.48 -8.19 2.71
CA GLY A 19 -4.37 -8.33 1.57
C GLY A 19 -3.62 -8.38 0.25
N GLY A 20 -2.62 -7.52 0.10
CA GLY A 20 -1.86 -7.51 -1.14
C GLY A 20 -1.84 -6.14 -1.79
N ALA A 21 -2.39 -6.09 -3.00
CA ALA A 21 -2.47 -4.85 -3.77
C ALA A 21 -1.08 -4.28 -4.07
N ALA A 22 -0.13 -5.17 -4.33
CA ALA A 22 1.23 -4.78 -4.66
C ALA A 22 1.29 -4.29 -6.09
N GLY A 23 2.02 -3.20 -6.32
CA GLY A 23 2.13 -2.66 -7.66
C GLY A 23 0.91 -1.85 -8.04
N GLY A 1 -0.13 -1.11 -7.64
CA GLY A 1 -1.32 -0.31 -7.49
C GLY A 1 -1.10 0.92 -6.62
N CYS A 2 -2.07 1.17 -5.74
CA CYS A 2 -2.01 2.31 -4.83
C CYS A 2 -0.89 2.13 -3.81
N CYS A 3 -0.61 0.89 -3.46
CA CYS A 3 0.43 0.56 -2.48
C CYS A 3 1.79 1.11 -2.90
N SER A 4 1.97 1.33 -4.20
CA SER A 4 3.24 1.88 -4.71
C SER A 4 3.44 3.30 -4.21
N ASN A 5 2.34 3.95 -3.87
CA ASN A 5 2.37 5.31 -3.37
C ASN A 5 2.55 5.32 -1.86
N PRO A 6 3.56 6.03 -1.36
CA PRO A 6 3.85 6.11 0.08
C PRO A 6 2.66 6.64 0.88
N VAL A 7 2.01 7.67 0.33
CA VAL A 7 0.86 8.28 0.98
C VAL A 7 -0.28 7.27 1.10
N CYS A 8 -0.54 6.56 0.03
CA CYS A 8 -1.60 5.56 0.01
C CYS A 8 -1.23 4.41 0.92
N HIS A 9 0.03 4.00 0.87
CA HIS A 9 0.54 2.89 1.67
C HIS A 9 0.38 3.19 3.15
N LEU A 10 0.67 4.42 3.54
CA LEU A 10 0.57 4.84 4.93
C LEU A 10 -0.87 4.69 5.42
N GLU A 11 -1.81 5.21 4.65
CA GLU A 11 -3.23 5.12 4.99
C GLU A 11 -3.72 3.68 4.87
N HIS A 12 -3.37 3.04 3.78
CA HIS A 12 -3.77 1.66 3.52
C HIS A 12 -2.72 0.69 4.04
N SER A 13 -2.21 0.94 5.24
CA SER A 13 -1.19 0.07 5.84
C SER A 13 -1.71 -1.35 6.03
N ASN A 14 -2.99 -1.46 6.35
CA ASN A 14 -3.62 -2.77 6.55
C ASN A 14 -3.71 -3.53 5.23
N LEU A 15 -4.17 -2.87 4.20
CA LEU A 15 -4.31 -3.48 2.87
C LEU A 15 -2.95 -3.77 2.25
N CYS A 16 -2.07 -2.79 2.33
CA CYS A 16 -0.73 -2.92 1.78
C CYS A 16 0.23 -3.50 2.83
N GLY A 17 -0.27 -4.44 3.61
CA GLY A 17 0.55 -5.05 4.64
C GLY A 17 0.65 -6.54 4.45
N ALA A 18 1.89 -7.05 4.53
CA ALA A 18 2.17 -8.48 4.36
C ALA A 18 1.64 -9.01 3.03
N GLY A 19 1.68 -8.17 2.01
CA GLY A 19 1.22 -8.57 0.70
C GLY A 19 1.24 -7.43 -0.30
N GLY A 20 0.54 -6.35 0.04
CA GLY A 20 0.51 -5.20 -0.85
C GLY A 20 1.79 -4.40 -0.82
N ALA A 21 2.52 -4.42 -1.92
CA ALA A 21 3.77 -3.69 -2.04
C ALA A 21 4.20 -3.61 -3.49
N ALA A 22 4.64 -2.43 -3.90
CA ALA A 22 5.09 -2.18 -5.28
C ALA A 22 4.02 -2.56 -6.29
N GLY A 23 2.79 -2.20 -5.99
CA GLY A 23 1.69 -2.51 -6.88
C GLY A 23 0.45 -1.69 -6.59
N GLY A 1 -0.08 0.59 -7.65
CA GLY A 1 -1.34 1.27 -7.44
C GLY A 1 -1.31 2.07 -6.15
N CYS A 2 -2.14 1.69 -5.22
CA CYS A 2 -2.21 2.37 -3.93
C CYS A 2 -0.96 2.08 -3.10
N CYS A 3 -0.63 0.81 -2.98
CA CYS A 3 0.51 0.38 -2.19
C CYS A 3 1.84 0.95 -2.70
N SER A 4 1.98 1.09 -4.01
CA SER A 4 3.22 1.63 -4.58
C SER A 4 3.38 3.10 -4.19
N ASN A 5 2.28 3.73 -3.81
CA ASN A 5 2.29 5.13 -3.40
C ASN A 5 2.51 5.21 -1.89
N PRO A 6 3.53 5.96 -1.45
CA PRO A 6 3.86 6.11 -0.04
C PRO A 6 2.70 6.63 0.80
N VAL A 7 2.00 7.64 0.28
CA VAL A 7 0.86 8.22 1.00
C VAL A 7 -0.27 7.22 1.13
N CYS A 8 -0.62 6.60 0.01
CA CYS A 8 -1.70 5.61 -0.01
C CYS A 8 -1.32 4.41 0.85
N HIS A 9 -0.04 4.01 0.77
CA HIS A 9 0.46 2.88 1.54
C HIS A 9 0.34 3.15 3.04
N LEU A 10 0.65 4.38 3.43
CA LEU A 10 0.59 4.77 4.83
C LEU A 10 -0.85 4.72 5.34
N GLU A 11 -1.75 5.35 4.60
CA GLU A 11 -3.16 5.38 4.97
C GLU A 11 -3.75 3.97 4.95
N HIS A 12 -3.49 3.26 3.88
CA HIS A 12 -3.99 1.92 3.68
C HIS A 12 -2.92 0.88 4.01
N SER A 13 -2.30 1.03 5.17
CA SER A 13 -1.25 0.10 5.61
C SER A 13 -1.80 -1.30 5.78
N ASN A 14 -3.10 -1.41 6.00
CA ASN A 14 -3.74 -2.71 6.18
C ASN A 14 -3.77 -3.51 4.87
N LEU A 15 -3.62 -2.82 3.74
CA LEU A 15 -3.64 -3.48 2.43
C LEU A 15 -2.32 -4.17 2.10
N CYS A 16 -1.21 -3.47 2.29
CA CYS A 16 0.09 -4.03 1.97
C CYS A 16 1.10 -3.84 3.10
N GLY A 17 0.64 -3.93 4.33
CA GLY A 17 1.53 -3.76 5.46
C GLY A 17 2.48 -4.93 5.60
N ALA A 18 1.91 -6.11 5.62
CA ALA A 18 2.68 -7.34 5.73
C ALA A 18 2.72 -8.06 4.39
N GLY A 19 3.21 -7.38 3.36
CA GLY A 19 3.29 -7.98 2.05
C GLY A 19 4.25 -7.27 1.13
N GLY A 20 4.12 -5.94 1.02
CA GLY A 20 5.02 -5.20 0.16
C GLY A 20 4.42 -3.89 -0.32
N ALA A 21 4.47 -3.66 -1.62
CA ALA A 21 3.93 -2.45 -2.21
C ALA A 21 3.45 -2.71 -3.64
N ALA A 22 2.31 -3.37 -3.75
CA ALA A 22 1.72 -3.68 -5.05
C ALA A 22 1.42 -2.40 -5.84
N GLY A 23 1.58 -2.48 -7.15
CA GLY A 23 1.33 -1.33 -8.01
C GLY A 23 -0.05 -0.73 -7.81
N GLY A 1 0.42 -0.65 -7.42
CA GLY A 1 -0.74 0.20 -7.59
C GLY A 1 -0.72 1.41 -6.68
N CYS A 2 -1.82 1.64 -5.98
CA CYS A 2 -1.93 2.75 -5.06
C CYS A 2 -0.94 2.58 -3.91
N CYS A 3 -0.80 1.35 -3.43
CA CYS A 3 0.12 1.04 -2.34
C CYS A 3 1.57 1.32 -2.72
N SER A 4 1.84 1.45 -4.01
CA SER A 4 3.17 1.76 -4.48
C SER A 4 3.53 3.18 -4.08
N ASN A 5 2.49 3.98 -3.85
CA ASN A 5 2.66 5.37 -3.43
C ASN A 5 2.72 5.41 -1.91
N PRO A 6 3.74 6.11 -1.36
CA PRO A 6 3.95 6.23 0.09
C PRO A 6 2.72 6.72 0.85
N VAL A 7 2.03 7.72 0.29
CA VAL A 7 0.84 8.28 0.93
C VAL A 7 -0.26 7.24 1.05
N CYS A 8 -0.55 6.59 -0.06
CA CYS A 8 -1.60 5.56 -0.10
C CYS A 8 -1.20 4.38 0.75
N HIS A 9 0.07 4.00 0.69
CA HIS A 9 0.59 2.88 1.46
C HIS A 9 0.40 3.12 2.94
N LEU A 10 0.65 4.35 3.37
CA LEU A 10 0.51 4.72 4.77
C LEU A 10 -0.93 4.54 5.22
N GLU A 11 -1.86 5.01 4.41
CA GLU A 11 -3.28 4.90 4.71
C GLU A 11 -3.72 3.44 4.63
N HIS A 12 -3.33 2.78 3.55
CA HIS A 12 -3.69 1.38 3.33
C HIS A 12 -2.65 0.43 3.94
N SER A 13 -2.13 0.78 5.10
CA SER A 13 -1.13 -0.05 5.78
C SER A 13 -1.73 -1.39 6.20
N ASN A 14 -3.00 -1.39 6.53
CA ASN A 14 -3.69 -2.60 6.95
C ASN A 14 -3.89 -3.55 5.78
N LEU A 15 -4.21 -2.98 4.62
CA LEU A 15 -4.44 -3.77 3.42
C LEU A 15 -3.14 -4.28 2.84
N CYS A 16 -2.18 -3.38 2.68
CA CYS A 16 -0.88 -3.74 2.14
C CYS A 16 0.15 -3.87 3.25
N GLY A 17 -0.23 -4.59 4.29
CA GLY A 17 0.64 -4.80 5.42
C GLY A 17 1.88 -5.60 5.07
N ALA A 18 3.05 -5.03 5.38
CA ALA A 18 4.34 -5.66 5.11
C ALA A 18 4.50 -6.02 3.63
N GLY A 19 3.91 -5.22 2.76
CA GLY A 19 4.01 -5.48 1.34
C GLY A 19 3.18 -4.53 0.51
N GLY A 20 2.46 -5.07 -0.46
CA GLY A 20 1.63 -4.26 -1.31
C GLY A 20 0.85 -5.10 -2.30
N ALA A 21 -0.40 -4.74 -2.52
CA ALA A 21 -1.27 -5.47 -3.44
C ALA A 21 -0.89 -5.19 -4.89
N ALA A 22 0.21 -5.79 -5.33
CA ALA A 22 0.72 -5.63 -6.69
C ALA A 22 1.02 -4.16 -7.00
N GLY A 23 1.60 -3.48 -6.02
CA GLY A 23 1.93 -2.08 -6.19
C GLY A 23 0.70 -1.20 -6.24
N GLY A 1 -1.84 0.39 -7.45
CA GLY A 1 -0.88 1.47 -7.35
C GLY A 1 -0.96 2.19 -6.02
N CYS A 2 -1.80 1.70 -5.14
CA CYS A 2 -1.97 2.30 -3.83
C CYS A 2 -0.73 2.12 -2.98
N CYS A 3 -0.29 0.87 -2.85
CA CYS A 3 0.89 0.56 -2.06
C CYS A 3 2.14 1.16 -2.66
N SER A 4 2.14 1.31 -3.98
CA SER A 4 3.26 1.90 -4.69
C SER A 4 3.41 3.37 -4.32
N ASN A 5 2.29 3.97 -3.91
CA ASN A 5 2.27 5.37 -3.50
C ASN A 5 2.48 5.47 -2.00
N PRO A 6 3.48 6.25 -1.57
CA PRO A 6 3.80 6.42 -0.15
C PRO A 6 2.61 6.84 0.71
N VAL A 7 1.82 7.78 0.20
CA VAL A 7 0.66 8.27 0.93
C VAL A 7 -0.40 7.19 1.08
N CYS A 8 -0.78 6.58 -0.03
CA CYS A 8 -1.78 5.51 -0.02
C CYS A 8 -1.28 4.31 0.76
N HIS A 9 0.00 4.02 0.63
CA HIS A 9 0.63 2.89 1.31
C HIS A 9 0.48 3.02 2.82
N LEU A 10 0.80 4.19 3.35
CA LEU A 10 0.69 4.44 4.78
C LEU A 10 -0.77 4.42 5.24
N GLU A 11 -1.62 5.08 4.46
CA GLU A 11 -3.04 5.14 4.78
C GLU A 11 -3.67 3.75 4.72
N HIS A 12 -3.30 2.98 3.70
CA HIS A 12 -3.83 1.63 3.51
C HIS A 12 -2.81 0.58 3.93
N SER A 13 -2.10 0.83 5.03
CA SER A 13 -1.08 -0.10 5.51
C SER A 13 -1.69 -1.48 5.76
N ASN A 14 -2.90 -1.49 6.32
CA ASN A 14 -3.60 -2.73 6.61
C ASN A 14 -3.94 -3.47 5.32
N LEU A 15 -4.41 -2.73 4.34
CA LEU A 15 -4.78 -3.30 3.05
C LEU A 15 -3.59 -3.91 2.34
N CYS A 16 -2.48 -3.17 2.31
CA CYS A 16 -1.27 -3.66 1.66
C CYS A 16 -0.67 -4.82 2.43
N GLY A 17 -0.81 -4.79 3.75
CA GLY A 17 -0.29 -5.86 4.58
C GLY A 17 -1.06 -7.14 4.41
N ALA A 18 -2.37 -7.03 4.50
CA ALA A 18 -3.25 -8.17 4.34
C ALA A 18 -3.81 -8.25 2.93
N GLY A 19 -2.93 -8.10 1.95
CA GLY A 19 -3.35 -8.14 0.56
C GLY A 19 -2.18 -8.17 -0.40
N GLY A 20 -1.14 -7.42 -0.08
CA GLY A 20 0.03 -7.38 -0.93
C GLY A 20 0.01 -6.20 -1.87
N ALA A 21 0.16 -6.47 -3.15
CA ALA A 21 0.17 -5.43 -4.17
C ALA A 21 -1.25 -4.93 -4.47
N ALA A 22 -1.78 -4.10 -3.57
CA ALA A 22 -3.11 -3.53 -3.73
C ALA A 22 -3.12 -2.43 -4.79
N GLY A 23 -2.73 -2.80 -6.01
CA GLY A 23 -2.68 -1.86 -7.10
C GLY A 23 -1.61 -0.81 -6.93
N GLY A 1 0.09 0.17 -7.57
CA GLY A 1 -0.90 1.23 -7.53
C GLY A 1 -0.86 2.01 -6.23
N CYS A 2 -1.88 1.81 -5.43
CA CYS A 2 -2.01 2.48 -4.14
C CYS A 2 -0.81 2.19 -3.25
N CYS A 3 -0.46 0.92 -3.14
CA CYS A 3 0.66 0.49 -2.32
C CYS A 3 1.98 1.07 -2.79
N SER A 4 2.09 1.31 -4.10
CA SER A 4 3.30 1.87 -4.67
C SER A 4 3.45 3.33 -4.25
N ASN A 5 2.33 3.94 -3.89
CA ASN A 5 2.31 5.33 -3.45
C ASN A 5 2.52 5.40 -1.94
N PRO A 6 3.53 6.15 -1.49
CA PRO A 6 3.85 6.28 -0.06
C PRO A 6 2.65 6.73 0.78
N VAL A 7 1.94 7.75 0.30
CA VAL A 7 0.77 8.27 1.01
C VAL A 7 -0.32 7.22 1.13
N CYS A 8 -0.66 6.61 0.00
CA CYS A 8 -1.71 5.60 -0.03
C CYS A 8 -1.28 4.37 0.76
N HIS A 9 0.00 4.03 0.67
CA HIS A 9 0.57 2.88 1.38
C HIS A 9 0.42 3.06 2.89
N LEU A 10 0.71 4.26 3.37
CA LEU A 10 0.61 4.54 4.80
C LEU A 10 -0.83 4.42 5.28
N GLU A 11 -1.74 5.05 4.55
CA GLU A 11 -3.17 5.00 4.88
C GLU A 11 -3.70 3.57 4.75
N HIS A 12 -3.38 2.93 3.64
CA HIS A 12 -3.83 1.57 3.39
C HIS A 12 -2.78 0.57 3.87
N SER A 13 -2.14 0.88 4.99
CA SER A 13 -1.11 0.01 5.55
C SER A 13 -1.71 -1.35 5.91
N ASN A 14 -2.96 -1.32 6.36
CA ASN A 14 -3.68 -2.53 6.73
C ASN A 14 -3.97 -3.41 5.52
N LEU A 15 -4.19 -2.79 4.37
CA LEU A 15 -4.48 -3.52 3.14
C LEU A 15 -3.22 -3.96 2.42
N CYS A 16 -2.28 -3.04 2.28
CA CYS A 16 -1.01 -3.33 1.60
C CYS A 16 -0.09 -4.20 2.44
N GLY A 17 -0.24 -4.10 3.76
CA GLY A 17 0.62 -4.87 4.64
C GLY A 17 1.85 -4.09 5.06
N ALA A 18 2.39 -4.43 6.23
CA ALA A 18 3.58 -3.76 6.76
C ALA A 18 4.85 -4.22 6.02
N GLY A 19 4.83 -4.06 4.71
CA GLY A 19 5.97 -4.44 3.90
C GLY A 19 5.76 -4.04 2.46
N GLY A 20 6.11 -4.92 1.53
CA GLY A 20 5.93 -4.62 0.13
C GLY A 20 5.06 -5.66 -0.55
N ALA A 21 3.98 -5.19 -1.15
CA ALA A 21 3.03 -6.05 -1.85
C ALA A 21 2.01 -5.20 -2.58
N ALA A 22 1.66 -5.63 -3.80
CA ALA A 22 0.68 -4.93 -4.64
C ALA A 22 1.18 -3.57 -5.13
N GLY A 23 0.73 -3.16 -6.30
CA GLY A 23 1.14 -1.88 -6.85
C GLY A 23 0.06 -0.83 -6.71
N GLY A 1 -0.06 0.12 -7.94
CA GLY A 1 -1.29 0.79 -7.56
C GLY A 1 -1.15 1.65 -6.32
N CYS A 2 -2.09 1.50 -5.39
CA CYS A 2 -2.09 2.25 -4.14
C CYS A 2 -0.81 2.01 -3.36
N CYS A 3 -0.46 0.75 -3.23
CA CYS A 3 0.73 0.35 -2.48
C CYS A 3 2.01 0.99 -3.02
N SER A 4 2.01 1.35 -4.29
CA SER A 4 3.17 1.98 -4.91
C SER A 4 3.33 3.41 -4.42
N ASN A 5 2.25 3.97 -3.90
CA ASN A 5 2.27 5.34 -3.39
C ASN A 5 2.55 5.36 -1.90
N PRO A 6 3.53 6.17 -1.47
CA PRO A 6 3.91 6.26 -0.05
C PRO A 6 2.73 6.67 0.85
N VAL A 7 2.01 7.71 0.44
CA VAL A 7 0.87 8.19 1.20
C VAL A 7 -0.22 7.12 1.26
N CYS A 8 -0.53 6.55 0.12
CA CYS A 8 -1.55 5.51 0.02
C CYS A 8 -1.14 4.29 0.84
N HIS A 9 0.15 3.99 0.82
CA HIS A 9 0.70 2.85 1.57
C HIS A 9 0.44 3.00 3.05
N LEU A 10 0.65 4.21 3.56
CA LEU A 10 0.44 4.49 4.97
C LEU A 10 -1.04 4.52 5.32
N GLU A 11 -1.83 5.20 4.49
CA GLU A 11 -3.27 5.30 4.69
C GLU A 11 -3.92 3.91 4.66
N HIS A 12 -3.47 3.10 3.72
CA HIS A 12 -3.99 1.76 3.57
C HIS A 12 -2.93 0.74 3.96
N SER A 13 -2.29 0.99 5.10
CA SER A 13 -1.24 0.15 5.63
C SER A 13 -1.72 -1.28 5.85
N ASN A 14 -2.93 -1.42 6.36
CA ASN A 14 -3.52 -2.73 6.62
C ASN A 14 -3.71 -3.51 5.31
N LEU A 15 -4.07 -2.79 4.26
CA LEU A 15 -4.29 -3.40 2.95
C LEU A 15 -2.96 -3.79 2.31
N CYS A 16 -2.05 -2.83 2.22
CA CYS A 16 -0.74 -3.07 1.64
C CYS A 16 0.23 -3.58 2.70
N GLY A 17 -0.28 -4.34 3.66
CA GLY A 17 0.56 -4.87 4.72
C GLY A 17 1.33 -6.09 4.28
N ALA A 18 0.65 -6.97 3.58
CA ALA A 18 1.26 -8.20 3.08
C ALA A 18 0.50 -8.71 1.87
N GLY A 19 0.11 -7.80 0.99
CA GLY A 19 -0.62 -8.18 -0.20
C GLY A 19 -0.61 -7.10 -1.25
N GLY A 20 0.53 -6.41 -1.37
CA GLY A 20 0.65 -5.35 -2.34
C GLY A 20 1.90 -4.52 -2.13
N ALA A 21 2.67 -4.34 -3.20
CA ALA A 21 3.90 -3.56 -3.13
C ALA A 21 4.34 -3.18 -4.53
N ALA A 22 4.80 -1.93 -4.69
CA ALA A 22 5.27 -1.42 -5.98
C ALA A 22 4.19 -1.55 -7.05
N GLY A 23 2.95 -1.24 -6.68
CA GLY A 23 1.86 -1.32 -7.62
C GLY A 23 0.59 -0.68 -7.09
N GLY A 1 0.06 0.66 -8.06
CA GLY A 1 -1.12 1.40 -7.65
C GLY A 1 -0.99 2.07 -6.30
N CYS A 2 -1.97 1.84 -5.45
CA CYS A 2 -2.03 2.44 -4.12
C CYS A 2 -0.80 2.11 -3.28
N CYS A 3 -0.48 0.82 -3.18
CA CYS A 3 0.65 0.37 -2.37
C CYS A 3 1.97 0.97 -2.83
N SER A 4 2.10 1.24 -4.12
CA SER A 4 3.33 1.83 -4.66
C SER A 4 3.45 3.28 -4.22
N ASN A 5 2.33 3.88 -3.85
CA ASN A 5 2.31 5.27 -3.40
C ASN A 5 2.49 5.32 -1.89
N PRO A 6 3.53 6.03 -1.41
CA PRO A 6 3.82 6.14 0.02
C PRO A 6 2.64 6.67 0.83
N VAL A 7 1.96 7.68 0.31
CA VAL A 7 0.81 8.27 0.98
C VAL A 7 -0.33 7.26 1.10
N CYS A 8 -0.65 6.62 -0.02
CA CYS A 8 -1.72 5.63 -0.05
C CYS A 8 -1.35 4.42 0.79
N HIS A 9 -0.08 4.02 0.70
CA HIS A 9 0.44 2.87 1.44
C HIS A 9 0.33 3.11 2.94
N LEU A 10 0.66 4.32 3.37
CA LEU A 10 0.61 4.67 4.78
C LEU A 10 -0.83 4.54 5.30
N GLU A 11 -1.76 5.15 4.58
CA GLU A 11 -3.17 5.12 4.94
C GLU A 11 -3.71 3.68 4.84
N HIS A 12 -3.43 3.06 3.72
CA HIS A 12 -3.88 1.69 3.47
C HIS A 12 -2.81 0.70 3.94
N SER A 13 -2.24 0.96 5.11
CA SER A 13 -1.18 0.11 5.66
C SER A 13 -1.67 -1.32 5.85
N ASN A 14 -2.89 -1.47 6.36
CA ASN A 14 -3.48 -2.79 6.58
C ASN A 14 -3.68 -3.53 5.27
N LEU A 15 -4.15 -2.81 4.26
CA LEU A 15 -4.39 -3.39 2.94
C LEU A 15 -3.08 -3.76 2.26
N CYS A 16 -2.14 -2.84 2.31
CA CYS A 16 -0.84 -3.05 1.70
C CYS A 16 0.15 -3.60 2.73
N GLY A 17 -0.33 -4.54 3.53
CA GLY A 17 0.50 -5.16 4.55
C GLY A 17 1.63 -5.94 3.94
N ALA A 18 2.84 -5.73 4.46
CA ALA A 18 4.04 -6.41 3.97
C ALA A 18 4.22 -6.17 2.48
N GLY A 19 3.87 -4.97 2.03
CA GLY A 19 3.97 -4.63 0.63
C GLY A 19 2.61 -4.50 -0.01
N GLY A 20 1.79 -5.55 0.17
CA GLY A 20 0.45 -5.55 -0.38
C GLY A 20 0.42 -5.80 -1.88
N ALA A 21 -0.47 -5.12 -2.57
CA ALA A 21 -0.61 -5.26 -4.01
C ALA A 21 0.49 -4.49 -4.74
N ALA A 22 1.15 -5.16 -5.66
CA ALA A 22 2.21 -4.53 -6.42
C ALA A 22 1.63 -3.58 -7.47
N GLY A 23 1.94 -2.30 -7.33
CA GLY A 23 1.44 -1.32 -8.28
C GLY A 23 0.17 -0.64 -7.79
N GLY A 1 0.29 0.75 -8.83
CA GLY A 1 -0.58 0.39 -7.73
C GLY A 1 -0.64 1.49 -6.69
N CYS A 2 -1.77 1.57 -5.99
CA CYS A 2 -1.93 2.59 -4.96
C CYS A 2 -0.92 2.38 -3.84
N CYS A 3 -0.72 1.11 -3.47
CA CYS A 3 0.21 0.75 -2.40
C CYS A 3 1.64 1.21 -2.71
N SER A 4 1.96 1.34 -3.99
CA SER A 4 3.28 1.78 -4.42
C SER A 4 3.51 3.24 -4.02
N ASN A 5 2.42 3.96 -3.79
CA ASN A 5 2.50 5.36 -3.38
C ASN A 5 2.62 5.45 -1.86
N PRO A 6 3.61 6.20 -1.37
CA PRO A 6 3.85 6.36 0.07
C PRO A 6 2.62 6.78 0.86
N VAL A 7 1.88 7.75 0.33
CA VAL A 7 0.68 8.24 1.00
C VAL A 7 -0.38 7.15 1.12
N CYS A 8 -0.67 6.50 0.02
CA CYS A 8 -1.66 5.43 -0.02
C CYS A 8 -1.18 4.25 0.82
N HIS A 9 0.11 3.96 0.72
CA HIS A 9 0.71 2.84 1.45
C HIS A 9 0.53 3.03 2.95
N LEU A 10 0.76 4.25 3.42
CA LEU A 10 0.62 4.55 4.85
C LEU A 10 -0.85 4.51 5.26
N GLU A 11 -1.70 5.13 4.45
CA GLU A 11 -3.14 5.17 4.73
C GLU A 11 -3.74 3.76 4.67
N HIS A 12 -3.33 2.98 3.69
CA HIS A 12 -3.84 1.63 3.51
C HIS A 12 -2.81 0.60 3.96
N SER A 13 -2.09 0.88 5.04
CA SER A 13 -1.07 -0.05 5.54
C SER A 13 -1.67 -1.39 5.92
N ASN A 14 -2.89 -1.38 6.42
CA ASN A 14 -3.57 -2.60 6.84
C ASN A 14 -3.81 -3.53 5.66
N LEU A 15 -4.25 -2.96 4.54
CA LEU A 15 -4.55 -3.74 3.35
C LEU A 15 -3.30 -4.02 2.51
N CYS A 16 -2.51 -2.99 2.29
CA CYS A 16 -1.31 -3.10 1.47
C CYS A 16 -0.21 -3.91 2.17
N GLY A 17 -0.07 -3.72 3.48
CA GLY A 17 0.96 -4.42 4.21
C GLY A 17 2.34 -4.05 3.69
N ALA A 18 3.16 -5.05 3.41
CA ALA A 18 4.49 -4.82 2.88
C ALA A 18 4.48 -4.86 1.36
N GLY A 19 3.28 -4.86 0.79
CA GLY A 19 3.12 -4.90 -0.65
C GLY A 19 3.25 -3.53 -1.29
N GLY A 20 3.99 -3.49 -2.39
CA GLY A 20 4.18 -2.25 -3.13
C GLY A 20 5.21 -2.43 -4.23
N ALA A 21 4.76 -2.26 -5.46
CA ALA A 21 5.62 -2.40 -6.63
C ALA A 21 4.83 -2.12 -7.90
N ALA A 22 5.49 -1.49 -8.88
CA ALA A 22 4.87 -1.16 -10.17
C ALA A 22 3.64 -0.30 -9.99
N GLY A 23 2.72 -0.41 -10.93
CA GLY A 23 1.49 0.37 -10.87
C GLY A 23 0.57 -0.12 -9.78
N GLY A 1 0.43 -0.59 -7.54
CA GLY A 1 -0.70 0.30 -7.74
C GLY A 1 -0.71 1.42 -6.73
N CYS A 2 -1.81 1.55 -6.01
CA CYS A 2 -1.95 2.59 -5.00
C CYS A 2 -0.93 2.35 -3.88
N CYS A 3 -0.73 1.08 -3.54
CA CYS A 3 0.21 0.70 -2.49
C CYS A 3 1.64 1.14 -2.82
N SER A 4 1.93 1.31 -4.10
CA SER A 4 3.25 1.75 -4.55
C SER A 4 3.51 3.18 -4.09
N ASN A 5 2.42 3.91 -3.82
CA ASN A 5 2.52 5.29 -3.37
C ASN A 5 2.63 5.32 -1.84
N PRO A 6 3.64 6.02 -1.32
CA PRO A 6 3.88 6.13 0.13
C PRO A 6 2.66 6.63 0.91
N VAL A 7 1.97 7.62 0.34
CA VAL A 7 0.79 8.19 0.99
C VAL A 7 -0.32 7.15 1.12
N CYS A 8 -0.60 6.47 0.01
CA CYS A 8 -1.64 5.44 -0.01
C CYS A 8 -1.24 4.28 0.88
N HIS A 9 0.03 3.90 0.80
CA HIS A 9 0.56 2.79 1.59
C HIS A 9 0.41 3.07 3.08
N LEU A 10 0.62 4.33 3.44
CA LEU A 10 0.51 4.76 4.84
C LEU A 10 -0.92 4.61 5.33
N GLU A 11 -1.85 5.19 4.58
CA GLU A 11 -3.27 5.12 4.93
C GLU A 11 -3.79 3.69 4.85
N HIS A 12 -3.50 3.04 3.73
CA HIS A 12 -3.92 1.65 3.52
C HIS A 12 -2.83 0.71 3.99
N SER A 13 -2.29 1.00 5.17
CA SER A 13 -1.22 0.20 5.76
C SER A 13 -1.63 -1.27 5.93
N ASN A 14 -2.81 -1.48 6.48
CA ASN A 14 -3.32 -2.83 6.72
C ASN A 14 -3.55 -3.58 5.40
N LEU A 15 -4.05 -2.86 4.41
CA LEU A 15 -4.33 -3.44 3.10
C LEU A 15 -3.04 -3.71 2.34
N CYS A 16 -2.18 -2.72 2.30
CA CYS A 16 -0.90 -2.82 1.60
C CYS A 16 0.16 -3.50 2.47
N GLY A 17 -0.28 -4.48 3.24
CA GLY A 17 0.63 -5.22 4.09
C GLY A 17 0.20 -6.65 4.27
N ALA A 18 -0.54 -7.13 3.28
CA ALA A 18 -1.05 -8.50 3.28
C ALA A 18 -1.26 -8.98 1.86
N GLY A 19 -0.31 -8.65 0.99
CA GLY A 19 -0.39 -9.06 -0.39
C GLY A 19 0.92 -8.88 -1.13
N GLY A 20 1.32 -9.91 -1.86
CA GLY A 20 2.57 -9.84 -2.59
C GLY A 20 2.42 -9.12 -3.92
N ALA A 21 3.40 -8.28 -4.24
CA ALA A 21 3.40 -7.51 -5.48
C ALA A 21 2.17 -6.62 -5.59
N ALA A 22 1.87 -5.90 -4.53
CA ALA A 22 0.72 -4.99 -4.48
C ALA A 22 0.99 -3.71 -5.28
N GLY A 23 1.25 -3.87 -6.57
CA GLY A 23 1.52 -2.73 -7.43
C GLY A 23 0.28 -1.89 -7.67
N GLY A 1 0.09 0.36 -7.93
CA GLY A 1 -1.18 0.96 -7.59
C GLY A 1 -1.10 1.81 -6.34
N CYS A 2 -2.03 1.59 -5.43
CA CYS A 2 -2.08 2.33 -4.17
C CYS A 2 -0.83 2.09 -3.35
N CYS A 3 -0.47 0.83 -3.21
CA CYS A 3 0.69 0.43 -2.43
C CYS A 3 1.99 1.04 -2.94
N SER A 4 2.05 1.31 -4.24
CA SER A 4 3.23 1.93 -4.84
C SER A 4 3.41 3.36 -4.34
N ASN A 5 2.30 3.96 -3.91
CA ASN A 5 2.32 5.31 -3.40
C ASN A 5 2.54 5.32 -1.90
N PRO A 6 3.56 6.05 -1.43
CA PRO A 6 3.88 6.13 0.00
C PRO A 6 2.71 6.60 0.84
N VAL A 7 2.02 7.65 0.38
CA VAL A 7 0.87 8.20 1.09
C VAL A 7 -0.26 7.18 1.16
N CYS A 8 -0.57 6.56 0.03
CA CYS A 8 -1.63 5.57 -0.04
C CYS A 8 -1.26 4.36 0.80
N HIS A 9 0.01 3.98 0.76
CA HIS A 9 0.52 2.84 1.52
C HIS A 9 0.36 3.08 3.02
N LEU A 10 0.61 4.30 3.44
CA LEU A 10 0.50 4.66 4.86
C LEU A 10 -0.94 4.55 5.31
N GLU A 11 -1.84 5.18 4.55
CA GLU A 11 -3.26 5.15 4.85
C GLU A 11 -3.80 3.73 4.77
N HIS A 12 -3.47 3.06 3.67
CA HIS A 12 -3.90 1.69 3.45
C HIS A 12 -2.82 0.74 3.97
N SER A 13 -2.36 1.00 5.18
CA SER A 13 -1.32 0.21 5.81
C SER A 13 -1.70 -1.26 5.95
N ASN A 14 -2.91 -1.52 6.42
CA ASN A 14 -3.39 -2.88 6.60
C ASN A 14 -3.65 -3.55 5.25
N LEU A 15 -4.07 -2.77 4.27
CA LEU A 15 -4.34 -3.30 2.93
C LEU A 15 -3.04 -3.70 2.25
N CYS A 16 -2.09 -2.78 2.25
CA CYS A 16 -0.79 -3.01 1.62
C CYS A 16 0.19 -3.62 2.61
N GLY A 17 -0.30 -4.52 3.43
CA GLY A 17 0.54 -5.18 4.41
C GLY A 17 0.35 -6.68 4.39
N ALA A 18 1.45 -7.40 4.21
CA ALA A 18 1.43 -8.87 4.16
C ALA A 18 0.48 -9.38 3.07
N GLY A 19 0.39 -8.65 1.97
CA GLY A 19 -0.48 -9.05 0.88
C GLY A 19 -0.56 -7.98 -0.19
N GLY A 20 -0.92 -6.77 0.23
CA GLY A 20 -1.03 -5.67 -0.71
C GLY A 20 0.31 -5.23 -1.23
N ALA A 21 0.43 -5.16 -2.56
CA ALA A 21 1.66 -4.75 -3.20
C ALA A 21 1.41 -4.43 -4.67
N ALA A 22 2.41 -4.71 -5.50
CA ALA A 22 2.34 -4.47 -6.94
C ALA A 22 2.22 -2.99 -7.27
N GLY A 23 1.71 -2.69 -8.45
CA GLY A 23 1.53 -1.33 -8.88
C GLY A 23 0.15 -0.79 -8.58
N GLY A 1 0.14 -1.17 -7.13
CA GLY A 1 -0.98 -0.29 -7.36
C GLY A 1 -0.91 0.96 -6.50
N CYS A 2 -1.94 1.17 -5.70
CA CYS A 2 -1.99 2.32 -4.81
C CYS A 2 -0.90 2.21 -3.74
N CYS A 3 -0.60 0.98 -3.35
CA CYS A 3 0.43 0.72 -2.34
C CYS A 3 1.79 1.25 -2.77
N SER A 4 2.00 1.38 -4.08
CA SER A 4 3.26 1.88 -4.61
C SER A 4 3.46 3.34 -4.19
N ASN A 5 2.35 4.01 -3.88
CA ASN A 5 2.38 5.38 -3.44
C ASN A 5 2.55 5.44 -1.93
N PRO A 6 3.56 6.16 -1.45
CA PRO A 6 3.86 6.28 -0.01
C PRO A 6 2.67 6.72 0.82
N VAL A 7 1.93 7.71 0.33
CA VAL A 7 0.77 8.22 1.04
C VAL A 7 -0.30 7.14 1.18
N CYS A 8 -0.62 6.49 0.08
CA CYS A 8 -1.62 5.42 0.07
C CYS A 8 -1.15 4.25 0.90
N HIS A 9 0.13 3.95 0.80
CA HIS A 9 0.73 2.83 1.55
C HIS A 9 0.54 3.02 3.04
N LEU A 10 0.71 4.25 3.50
CA LEU A 10 0.57 4.57 4.92
C LEU A 10 -0.90 4.49 5.34
N GLU A 11 -1.76 5.12 4.54
CA GLU A 11 -3.19 5.14 4.81
C GLU A 11 -3.77 3.73 4.73
N HIS A 12 -3.40 3.01 3.69
CA HIS A 12 -3.88 1.64 3.49
C HIS A 12 -2.82 0.66 3.98
N SER A 13 -2.25 0.95 5.14
CA SER A 13 -1.23 0.11 5.74
C SER A 13 -1.70 -1.33 5.91
N ASN A 14 -2.90 -1.49 6.45
CA ASN A 14 -3.47 -2.82 6.68
C ASN A 14 -3.76 -3.53 5.37
N LEU A 15 -4.17 -2.76 4.37
CA LEU A 15 -4.48 -3.31 3.06
C LEU A 15 -3.21 -3.72 2.32
N CYS A 16 -2.19 -2.87 2.42
CA CYS A 16 -0.91 -3.11 1.78
C CYS A 16 -0.03 -4.02 2.63
N GLY A 17 -0.65 -5.05 3.18
CA GLY A 17 0.06 -6.00 4.01
C GLY A 17 1.06 -6.81 3.20
N ALA A 18 2.13 -7.26 3.86
CA ALA A 18 3.19 -8.04 3.22
C ALA A 18 3.85 -7.24 2.10
N GLY A 19 4.19 -5.99 2.40
CA GLY A 19 4.84 -5.14 1.42
C GLY A 19 3.84 -4.30 0.65
N GLY A 20 2.83 -4.93 0.09
CA GLY A 20 1.84 -4.19 -0.67
C GLY A 20 0.87 -5.11 -1.39
N ALA A 21 -0.38 -4.67 -1.51
CA ALA A 21 -1.42 -5.44 -2.18
C ALA A 21 -1.23 -5.42 -3.70
N ALA A 22 -0.17 -6.09 -4.16
CA ALA A 22 0.16 -6.17 -5.59
C ALA A 22 0.48 -4.79 -6.16
N GLY A 23 1.18 -3.98 -5.38
CA GLY A 23 1.54 -2.65 -5.83
C GLY A 23 0.33 -1.74 -5.94
N GLY A 1 0.08 0.25 -7.86
CA GLY A 1 -0.75 1.42 -7.69
C GLY A 1 -0.66 2.04 -6.30
N CYS A 2 -1.78 2.04 -5.60
CA CYS A 2 -1.90 2.59 -4.26
C CYS A 2 -0.79 2.10 -3.33
N CYS A 3 -0.56 0.79 -3.35
CA CYS A 3 0.45 0.18 -2.49
C CYS A 3 1.85 0.74 -2.75
N SER A 4 2.12 1.16 -3.96
CA SER A 4 3.42 1.72 -4.29
C SER A 4 3.46 3.23 -4.04
N ASN A 5 2.32 3.79 -3.67
CA ASN A 5 2.23 5.22 -3.37
C ASN A 5 2.48 5.41 -1.89
N PRO A 6 3.46 6.25 -1.52
CA PRO A 6 3.81 6.48 -0.10
C PRO A 6 2.61 6.86 0.77
N VAL A 7 1.84 7.85 0.34
CA VAL A 7 0.68 8.30 1.11
C VAL A 7 -0.37 7.20 1.18
N CYS A 8 -0.68 6.61 0.03
CA CYS A 8 -1.68 5.55 -0.04
C CYS A 8 -1.23 4.33 0.77
N HIS A 9 0.06 4.04 0.72
CA HIS A 9 0.64 2.91 1.43
C HIS A 9 0.50 3.09 2.92
N LEU A 10 0.73 4.32 3.39
CA LEU A 10 0.66 4.63 4.81
C LEU A 10 -0.77 4.49 5.32
N GLU A 11 -1.72 5.08 4.59
CA GLU A 11 -3.13 5.03 4.97
C GLU A 11 -3.66 3.61 4.84
N HIS A 12 -3.49 3.03 3.66
CA HIS A 12 -3.95 1.68 3.38
C HIS A 12 -2.86 0.67 3.72
N SER A 13 -2.15 0.91 4.82
CA SER A 13 -1.07 0.04 5.25
C SER A 13 -1.60 -1.36 5.59
N ASN A 14 -2.72 -1.40 6.31
CA ASN A 14 -3.32 -2.67 6.72
C ASN A 14 -3.78 -3.48 5.50
N LEU A 15 -4.19 -2.78 4.45
CA LEU A 15 -4.68 -3.44 3.24
C LEU A 15 -3.53 -3.86 2.33
N CYS A 16 -2.61 -2.95 2.06
CA CYS A 16 -1.49 -3.23 1.17
C CYS A 16 -0.41 -4.08 1.83
N GLY A 17 -0.14 -3.83 3.11
CA GLY A 17 0.89 -4.58 3.80
C GLY A 17 2.24 -4.35 3.16
N ALA A 18 2.93 -5.42 2.79
CA ALA A 18 4.22 -5.32 2.15
C ALA A 18 4.07 -5.29 0.62
N GLY A 19 2.88 -4.90 0.17
CA GLY A 19 2.61 -4.83 -1.25
C GLY A 19 3.35 -3.71 -1.95
N GLY A 20 3.81 -3.99 -3.16
CA GLY A 20 4.54 -3.00 -3.94
C GLY A 20 4.61 -3.39 -5.39
N ALA A 21 5.80 -3.27 -5.99
CA ALA A 21 6.03 -3.63 -7.39
C ALA A 21 5.07 -2.88 -8.33
N ALA A 22 4.97 -1.56 -8.14
CA ALA A 22 4.10 -0.71 -8.94
C ALA A 22 2.63 -1.11 -8.80
N GLY A 23 2.27 -1.55 -7.60
CA GLY A 23 0.90 -1.96 -7.32
C GLY A 23 -0.01 -0.79 -7.04
#